data_6MOK
#
_entry.id   6MOK
#
_cell.length_a   117.090
_cell.length_b   117.090
_cell.length_c   233.587
_cell.angle_alpha   90.00
_cell.angle_beta   90.00
_cell.angle_gamma   120.00
#
_symmetry.space_group_name_H-M   'P 62 2 2'
#
loop_
_entity.id
_entity.type
_entity.pdbx_description
1 polymer 'Dimeric DARPin ANR7 (A_distance_r7)'
2 polymer 'Erythropoietin receptor'
#
loop_
_entity_poly.entity_id
_entity_poly.type
_entity_poly.pdbx_seq_one_letter_code
_entity_poly.pdbx_strand_id
1 'polypeptide(L)'
;MGSDLGKKLLEAARAGQKDEVKILMENGADVNAVDAAGGTPLHEAARAGHAKIVLLLLEQGADVNAVDAAGGTPLHEAAR
AGHAVIVALLLMHGADVNAVDAAGGTPLHEAARAGHEEIVILLLAMGADVNAVGTPLHKAARAGHLEIVKVLLDHGADVN
ATDIWDATPLHLAALIGHLEIVEVLLKNGADVNASDITGTTPLHLAATMGHLEIVEVLLKYGADVNAYDLNGATPLHLAA
RMGHVEIVEVLLKYGADVNAQDKFGKTAFDISIDNGNEDLAEILQAAALEHHHHHH
;
A
2 'polypeptide(L)'
;FAGSADPKFESKAALLAARGPEELLCFTERLEDLVCFWEEAASAGVGPGQYSFSYQLEDEPWKLCRLHQAPTARGAVRFW
CSLPTADTSSFVPLELRVTAASGAPRYHRVIHINEVVLLDAPVGLVARLADESGHVVLRWLPPPETPMTSHIRYEVDVSA
GQGAGSVQRVEILEGRTECVLSNLRGRTRYTFAVRARMAEPSFGGFWSAWSEPVSLLTPSDLDKEKAAA
;
B
#
# COMPACT_ATOMS: atom_id res chain seq x y z
N GLY A 2 27.50 -29.52 -1.12
CA GLY A 2 28.46 -30.39 -1.87
C GLY A 2 29.65 -30.79 -0.99
N SER A 3 30.86 -30.43 -1.42
CA SER A 3 32.11 -30.67 -0.71
C SER A 3 32.13 -29.80 0.55
N ASP A 4 33.12 -29.96 1.45
CA ASP A 4 33.22 -29.03 2.58
C ASP A 4 33.54 -27.62 2.11
N LEU A 5 34.42 -27.48 1.11
CA LEU A 5 34.72 -26.17 0.52
C LEU A 5 33.48 -25.57 -0.15
N GLY A 6 32.61 -26.42 -0.73
CA GLY A 6 31.34 -26.02 -1.33
C GLY A 6 30.35 -25.14 -0.56
N LYS A 7 30.09 -25.52 0.70
CA LYS A 7 29.31 -24.73 1.63
C LYS A 7 30.03 -23.48 2.28
N LYS A 8 31.36 -23.64 2.32
CA LYS A 8 32.25 -22.52 2.69
C LYS A 8 32.07 -21.50 1.56
N LEU A 9 31.93 -22.02 0.33
CA LEU A 9 31.71 -21.18 -0.85
C LEU A 9 30.30 -20.57 -0.80
N LEU A 10 29.32 -21.30 -0.29
CA LEU A 10 27.98 -20.75 -0.13
C LEU A 10 28.08 -19.66 0.94
N GLU A 11 28.89 -19.89 1.99
CA GLU A 11 29.15 -18.90 3.04
C GLU A 11 29.68 -17.61 2.41
N ALA A 12 30.78 -17.75 1.67
CA ALA A 12 31.51 -16.65 1.07
C ALA A 12 30.79 -15.87 -0.04
N ALA A 13 30.04 -16.58 -0.89
CA ALA A 13 29.23 -15.98 -1.95
C ALA A 13 28.20 -15.03 -1.35
N ARG A 14 27.51 -15.51 -0.31
CA ARG A 14 26.49 -14.75 0.39
C ARG A 14 27.11 -13.47 0.95
N ALA A 15 28.34 -13.58 1.48
CA ALA A 15 28.94 -12.52 2.26
C ALA A 15 29.52 -11.44 1.34
N GLY A 16 29.55 -11.74 0.04
CA GLY A 16 30.10 -10.82 -0.94
C GLY A 16 31.62 -10.70 -0.84
N GLN A 17 32.27 -11.74 -0.32
CA GLN A 17 33.69 -11.69 -0.04
C GLN A 17 34.49 -12.14 -1.26
N LYS A 18 34.85 -11.16 -2.09
CA LYS A 18 35.36 -11.43 -3.41
C LYS A 18 36.67 -12.23 -3.34
N ASP A 19 37.54 -11.87 -2.39
CA ASP A 19 38.85 -12.50 -2.22
C ASP A 19 38.66 -13.97 -1.87
N GLU A 20 37.79 -14.19 -0.88
CA GLU A 20 37.55 -15.48 -0.26
C GLU A 20 36.91 -16.44 -1.26
N VAL A 21 36.07 -15.90 -2.15
CA VAL A 21 35.38 -16.71 -3.15
C VAL A 21 36.41 -17.34 -4.08
N LYS A 22 37.37 -16.50 -4.48
CA LYS A 22 38.40 -16.91 -5.41
C LYS A 22 39.29 -17.96 -4.73
N ILE A 23 39.61 -17.74 -3.44
CA ILE A 23 40.39 -18.66 -2.62
C ILE A 23 39.73 -20.04 -2.61
N LEU A 24 38.44 -20.10 -2.29
CA LEU A 24 37.78 -21.39 -2.12
C LEU A 24 37.65 -22.13 -3.45
N MET A 25 37.42 -21.40 -4.55
CA MET A 25 37.29 -22.00 -5.87
C MET A 25 38.64 -22.56 -6.33
N GLU A 26 39.72 -21.81 -6.08
CA GLU A 26 41.06 -22.25 -6.42
C GLU A 26 41.42 -23.54 -5.67
N ASN A 27 40.70 -23.81 -4.57
CA ASN A 27 40.93 -24.99 -3.77
C ASN A 27 40.06 -26.15 -4.25
N GLY A 28 39.24 -25.92 -5.28
CA GLY A 28 38.51 -27.00 -5.93
C GLY A 28 37.08 -27.13 -5.44
N ALA A 29 36.52 -26.01 -4.96
CA ALA A 29 35.14 -25.97 -4.52
C ALA A 29 34.20 -26.22 -5.69
N ASP A 30 33.13 -26.97 -5.38
CA ASP A 30 32.03 -27.30 -6.27
C ASP A 30 31.19 -26.04 -6.49
N VAL A 31 31.16 -25.57 -7.74
CA VAL A 31 30.51 -24.31 -8.11
C VAL A 31 28.98 -24.38 -7.99
N ASN A 32 28.43 -25.61 -8.02
CA ASN A 32 26.98 -25.80 -8.00
C ASN A 32 26.52 -26.50 -6.72
N ALA A 33 27.24 -26.24 -5.61
CA ALA A 33 26.86 -26.66 -4.27
C ALA A 33 25.51 -26.05 -3.92
N VAL A 34 24.72 -26.74 -3.09
CA VAL A 34 23.39 -26.26 -2.75
C VAL A 34 23.22 -26.19 -1.22
N ASP A 35 22.46 -25.17 -0.78
CA ASP A 35 22.11 -24.98 0.61
C ASP A 35 20.79 -25.70 0.91
N ALA A 36 20.25 -25.43 2.10
CA ALA A 36 19.00 -25.97 2.60
C ALA A 36 17.85 -25.69 1.64
N ALA A 37 17.91 -24.55 0.95
CA ALA A 37 16.82 -24.08 0.08
C ALA A 37 17.06 -24.49 -1.36
N GLY A 38 18.14 -25.26 -1.59
CA GLY A 38 18.55 -25.66 -2.92
C GLY A 38 19.03 -24.46 -3.73
N GLY A 39 19.46 -23.42 -3.01
CA GLY A 39 20.11 -22.26 -3.61
C GLY A 39 21.58 -22.56 -3.88
N THR A 40 22.08 -22.01 -4.99
CA THR A 40 23.45 -22.19 -5.38
C THR A 40 24.19 -20.90 -5.05
N PRO A 41 25.54 -20.91 -5.03
CA PRO A 41 26.30 -19.66 -4.86
C PRO A 41 25.89 -18.64 -5.91
N LEU A 42 25.46 -19.11 -7.09
CA LEU A 42 24.99 -18.22 -8.14
C LEU A 42 23.73 -17.48 -7.69
N HIS A 43 22.81 -18.19 -7.04
CA HIS A 43 21.62 -17.56 -6.47
C HIS A 43 22.03 -16.47 -5.49
N GLU A 44 22.94 -16.80 -4.57
CA GLU A 44 23.34 -15.90 -3.50
C GLU A 44 24.07 -14.68 -4.06
N ALA A 45 24.93 -14.89 -5.05
CA ALA A 45 25.69 -13.80 -5.62
C ALA A 45 24.82 -12.88 -6.46
N ALA A 46 23.83 -13.45 -7.15
CA ALA A 46 22.82 -12.69 -7.89
C ALA A 46 21.95 -11.87 -6.93
N ARG A 47 21.73 -12.42 -5.73
CA ARG A 47 20.88 -11.73 -4.76
C ARG A 47 21.60 -10.52 -4.19
N ALA A 48 22.90 -10.66 -3.86
CA ALA A 48 23.68 -9.60 -3.21
C ALA A 48 24.25 -8.61 -4.22
N GLY A 49 24.24 -9.00 -5.51
CA GLY A 49 24.71 -8.15 -6.60
C GLY A 49 26.23 -7.94 -6.62
N HIS A 50 26.98 -9.03 -6.44
CA HIS A 50 28.43 -8.94 -6.50
C HIS A 50 28.93 -9.36 -7.87
N ALA A 51 29.28 -8.37 -8.70
CA ALA A 51 29.61 -8.57 -10.10
C ALA A 51 30.72 -9.61 -10.30
N LYS A 52 31.82 -9.48 -9.55
CA LYS A 52 33.02 -10.26 -9.79
C LYS A 52 32.81 -11.71 -9.38
N ILE A 53 31.95 -11.94 -8.38
CA ILE A 53 31.66 -13.30 -7.97
C ILE A 53 30.83 -13.94 -9.09
N VAL A 54 29.91 -13.15 -9.67
CA VAL A 54 29.03 -13.61 -10.74
C VAL A 54 29.87 -13.94 -11.96
N LEU A 55 30.90 -13.13 -12.22
CA LEU A 55 31.87 -13.41 -13.27
C LEU A 55 32.57 -14.76 -13.04
N LEU A 56 33.14 -14.95 -11.85
CA LEU A 56 34.00 -16.08 -11.55
C LEU A 56 33.18 -17.38 -11.58
N LEU A 57 31.91 -17.28 -11.16
CA LEU A 57 31.03 -18.44 -11.15
C LEU A 57 30.65 -18.84 -12.57
N LEU A 58 30.25 -17.89 -13.42
CA LEU A 58 29.81 -18.25 -14.75
C LEU A 58 30.99 -18.72 -15.60
N GLU A 59 32.20 -18.22 -15.28
CA GLU A 59 33.38 -18.61 -16.04
C GLU A 59 33.81 -20.02 -15.65
N GLN A 60 33.27 -20.54 -14.55
CA GLN A 60 33.60 -21.87 -14.06
C GLN A 60 32.40 -22.81 -14.19
N GLY A 61 31.48 -22.48 -15.11
CA GLY A 61 30.40 -23.34 -15.58
C GLY A 61 29.18 -23.37 -14.67
N ALA A 62 28.95 -22.29 -13.91
CA ALA A 62 27.83 -22.24 -12.99
C ALA A 62 26.53 -22.34 -13.80
N ASP A 63 25.55 -23.06 -13.23
CA ASP A 63 24.31 -23.37 -13.93
C ASP A 63 23.44 -22.13 -13.95
N VAL A 64 23.30 -21.54 -15.14
CA VAL A 64 22.67 -20.22 -15.31
C VAL A 64 21.18 -20.31 -14.98
N ASN A 65 20.59 -21.51 -15.10
CA ASN A 65 19.16 -21.66 -14.88
C ASN A 65 18.90 -22.67 -13.77
N ALA A 66 19.78 -22.69 -12.77
CA ALA A 66 19.58 -23.52 -11.59
C ALA A 66 18.34 -23.03 -10.86
N VAL A 67 17.55 -23.98 -10.34
CA VAL A 67 16.31 -23.66 -9.66
C VAL A 67 16.43 -24.06 -8.18
N ASP A 68 16.00 -23.15 -7.29
CA ASP A 68 15.83 -23.48 -5.88
C ASP A 68 14.46 -24.14 -5.73
N ALA A 69 14.11 -24.52 -4.49
CA ALA A 69 12.92 -25.31 -4.24
C ALA A 69 11.65 -24.52 -4.54
N ALA A 70 11.77 -23.20 -4.67
CA ALA A 70 10.62 -22.34 -4.91
C ALA A 70 10.44 -22.06 -6.41
N GLY A 71 11.29 -22.70 -7.24
CA GLY A 71 11.20 -22.58 -8.69
C GLY A 71 11.97 -21.39 -9.24
N GLY A 72 12.77 -20.75 -8.38
CA GLY A 72 13.44 -19.50 -8.73
C GLY A 72 14.82 -19.74 -9.30
N THR A 73 15.09 -19.11 -10.46
CA THR A 73 16.39 -19.10 -11.13
C THR A 73 17.14 -17.84 -10.69
N PRO A 74 18.50 -17.81 -10.81
CA PRO A 74 19.24 -16.59 -10.49
C PRO A 74 18.70 -15.40 -11.28
N LEU A 75 18.18 -15.62 -12.50
CA LEU A 75 17.58 -14.54 -13.26
C LEU A 75 16.36 -13.96 -12.53
N HIS A 76 15.56 -14.81 -11.88
CA HIS A 76 14.44 -14.33 -11.07
C HIS A 76 14.93 -13.46 -9.91
N GLU A 77 15.98 -13.91 -9.20
CA GLU A 77 16.47 -13.20 -8.03
C GLU A 77 17.14 -11.89 -8.42
N ALA A 78 17.90 -11.88 -9.51
CA ALA A 78 18.58 -10.68 -9.99
C ALA A 78 17.58 -9.64 -10.48
N ALA A 79 16.50 -10.08 -11.14
CA ALA A 79 15.41 -9.22 -11.59
C ALA A 79 14.65 -8.66 -10.39
N ARG A 80 14.42 -9.50 -9.38
CA ARG A 80 13.72 -9.09 -8.12
C ARG A 80 14.56 -8.10 -7.30
N ALA A 81 15.89 -8.30 -7.22
CA ALA A 81 16.79 -7.50 -6.39
C ALA A 81 17.29 -6.26 -7.12
N GLY A 82 17.05 -6.18 -8.43
CA GLY A 82 17.40 -5.01 -9.25
C GLY A 82 18.89 -4.89 -9.55
N HIS A 83 19.56 -6.01 -9.84
CA HIS A 83 20.97 -5.97 -10.22
C HIS A 83 21.09 -6.08 -11.72
N ALA A 84 21.17 -4.92 -12.36
CA ALA A 84 20.98 -4.81 -13.79
C ALA A 84 22.11 -5.55 -14.51
N VAL A 85 23.35 -5.30 -14.08
CA VAL A 85 24.55 -5.81 -14.73
C VAL A 85 24.51 -7.33 -14.71
N ILE A 86 24.14 -7.87 -13.55
CA ILE A 86 24.19 -9.30 -13.32
C ILE A 86 23.14 -9.97 -14.19
N VAL A 87 21.97 -9.30 -14.32
CA VAL A 87 20.88 -9.73 -15.17
C VAL A 87 21.42 -9.84 -16.59
N ALA A 88 22.28 -8.89 -16.96
CA ALA A 88 22.89 -8.81 -18.28
C ALA A 88 23.84 -9.98 -18.49
N LEU A 89 24.67 -10.21 -17.47
CA LEU A 89 25.69 -11.25 -17.52
C LEU A 89 24.99 -12.61 -17.66
N LEU A 90 23.94 -12.79 -16.84
CA LEU A 90 23.18 -14.01 -16.87
C LEU A 90 22.53 -14.21 -18.24
N LEU A 91 22.00 -13.13 -18.82
CA LEU A 91 21.23 -13.22 -20.05
C LEU A 91 22.14 -13.56 -21.23
N MET A 92 23.36 -13.04 -21.17
CA MET A 92 24.37 -13.28 -22.19
C MET A 92 24.85 -14.73 -22.19
N HIS A 93 24.77 -15.33 -21.00
CA HIS A 93 25.14 -16.72 -20.79
C HIS A 93 23.95 -17.66 -20.95
N GLY A 94 22.80 -17.14 -21.39
CA GLY A 94 21.66 -17.96 -21.78
C GLY A 94 20.63 -18.23 -20.67
N ALA A 95 20.43 -17.28 -19.75
CA ALA A 95 19.39 -17.43 -18.73
C ALA A 95 17.99 -17.42 -19.35
N ASP A 96 17.05 -18.21 -18.80
CA ASP A 96 15.80 -18.42 -19.50
C ASP A 96 14.87 -17.27 -19.16
N VAL A 97 14.60 -16.40 -20.14
CA VAL A 97 13.80 -15.19 -19.95
C VAL A 97 12.39 -15.47 -19.44
N ASN A 98 11.82 -16.62 -19.82
CA ASN A 98 10.43 -16.89 -19.45
C ASN A 98 10.35 -18.19 -18.64
N ALA A 99 11.39 -18.50 -17.84
CA ALA A 99 11.27 -19.54 -16.82
C ALA A 99 10.29 -19.07 -15.75
N VAL A 100 9.55 -20.01 -15.16
CA VAL A 100 8.48 -19.61 -14.25
C VAL A 100 8.62 -20.33 -12.91
N ASP A 101 8.50 -19.55 -11.83
CA ASP A 101 8.50 -20.07 -10.47
C ASP A 101 7.15 -20.72 -10.16
N ALA A 102 7.16 -21.60 -9.15
CA ALA A 102 5.99 -22.30 -8.62
C ALA A 102 4.73 -21.45 -8.67
N ALA A 103 4.93 -20.13 -8.60
CA ALA A 103 3.83 -19.19 -8.51
C ALA A 103 3.38 -18.72 -9.89
N GLY A 104 4.06 -19.18 -10.95
CA GLY A 104 3.71 -18.78 -12.30
C GLY A 104 4.40 -17.49 -12.73
N GLY A 105 5.39 -17.07 -11.93
CA GLY A 105 6.10 -15.82 -12.15
C GLY A 105 7.31 -15.99 -13.06
N THR A 106 7.37 -15.11 -14.06
CA THR A 106 8.52 -14.96 -14.94
C THR A 106 9.34 -13.79 -14.41
N PRO A 107 10.65 -13.71 -14.76
CA PRO A 107 11.48 -12.56 -14.41
C PRO A 107 10.80 -11.25 -14.79
N LEU A 108 10.11 -11.23 -15.94
CA LEU A 108 9.45 -10.00 -16.32
C LEU A 108 8.38 -9.64 -15.27
N HIS A 109 7.73 -10.65 -14.69
CA HIS A 109 6.73 -10.45 -13.63
C HIS A 109 7.33 -9.72 -12.43
N GLU A 110 8.45 -10.24 -11.93
CA GLU A 110 9.14 -9.70 -10.77
C GLU A 110 9.74 -8.31 -11.01
N ALA A 111 10.37 -8.12 -12.18
CA ALA A 111 11.00 -6.85 -12.52
C ALA A 111 9.98 -5.74 -12.62
N ALA A 112 8.82 -6.05 -13.21
CA ALA A 112 7.75 -5.07 -13.40
C ALA A 112 7.15 -4.68 -12.05
N ARG A 113 6.94 -5.68 -11.20
CA ARG A 113 6.33 -5.47 -9.85
C ARG A 113 7.25 -4.62 -8.97
N ALA A 114 8.56 -4.87 -9.04
CA ALA A 114 9.55 -4.21 -8.21
C ALA A 114 9.91 -2.82 -8.73
N GLY A 115 9.53 -2.49 -9.97
CA GLY A 115 9.85 -1.19 -10.56
C GLY A 115 11.33 -1.04 -10.95
N HIS A 116 11.90 -2.08 -11.59
CA HIS A 116 13.23 -2.00 -12.18
C HIS A 116 13.10 -1.81 -13.68
N GLU A 117 13.13 -0.54 -14.05
CA GLU A 117 12.95 -0.04 -15.39
C GLU A 117 13.88 -0.73 -16.39
N GLU A 118 15.19 -0.62 -16.12
CA GLU A 118 16.23 -1.07 -17.04
C GLU A 118 16.16 -2.58 -17.25
N ILE A 119 15.90 -3.32 -16.17
CA ILE A 119 15.82 -4.77 -16.22
C ILE A 119 14.64 -5.18 -17.07
N VAL A 120 13.52 -4.46 -16.92
CA VAL A 120 12.36 -4.74 -17.74
C VAL A 120 12.72 -4.53 -19.21
N ILE A 121 13.51 -3.49 -19.50
CA ILE A 121 13.96 -3.18 -20.85
C ILE A 121 14.82 -4.32 -21.36
N LEU A 122 15.76 -4.74 -20.52
CA LEU A 122 16.74 -5.73 -20.90
C LEU A 122 16.05 -7.08 -21.15
N LEU A 123 15.11 -7.46 -20.27
CA LEU A 123 14.30 -8.67 -20.43
C LEU A 123 13.50 -8.63 -21.74
N LEU A 124 12.86 -7.48 -22.01
CA LEU A 124 12.01 -7.37 -23.18
C LEU A 124 12.83 -7.50 -24.46
N ALA A 125 14.06 -6.95 -24.46
CA ALA A 125 14.95 -6.95 -25.62
C ALA A 125 15.43 -8.38 -25.92
N MET A 126 15.52 -9.18 -24.87
CA MET A 126 15.94 -10.55 -25.05
C MET A 126 14.72 -11.48 -25.23
N GLY A 127 13.52 -10.90 -25.38
CA GLY A 127 12.34 -11.61 -25.86
C GLY A 127 11.42 -12.14 -24.76
N ALA A 128 11.38 -11.46 -23.60
CA ALA A 128 10.43 -11.81 -22.55
C ALA A 128 8.98 -11.66 -23.04
N ASP A 129 8.11 -12.60 -22.65
CA ASP A 129 6.73 -12.61 -23.11
C ASP A 129 5.95 -11.52 -22.38
N VAL A 130 5.58 -10.48 -23.13
CA VAL A 130 4.95 -9.28 -22.58
C VAL A 130 3.58 -9.61 -21.98
N ASN A 131 2.97 -10.73 -22.42
CA ASN A 131 1.63 -11.06 -21.95
C ASN A 131 1.55 -12.43 -21.26
N ALA A 132 2.65 -12.85 -20.64
CA ALA A 132 2.60 -14.07 -19.85
C ALA A 132 1.79 -13.90 -18.56
N VAL A 133 1.31 -15.07 -18.13
CA VAL A 133 0.61 -15.47 -16.90
C VAL A 133 1.01 -14.63 -15.69
N GLY A 134 0.01 -14.26 -14.86
CA GLY A 134 0.26 -13.34 -13.75
C GLY A 134 0.77 -12.01 -14.28
N THR A 135 -0.12 -11.31 -14.99
CA THR A 135 0.24 -10.24 -15.91
C THR A 135 1.04 -9.14 -15.23
N PRO A 136 2.20 -8.82 -15.84
CA PRO A 136 3.04 -7.69 -15.43
C PRO A 136 2.28 -6.36 -15.43
N LEU A 137 1.39 -6.17 -16.42
CA LEU A 137 0.66 -4.93 -16.48
C LEU A 137 -0.27 -4.77 -15.28
N HIS A 138 -0.77 -5.88 -14.71
CA HIS A 138 -1.60 -5.76 -13.51
C HIS A 138 -0.82 -5.20 -12.34
N LYS A 139 0.39 -5.73 -12.16
CA LYS A 139 1.23 -5.31 -11.06
C LYS A 139 1.69 -3.87 -11.24
N ALA A 140 2.09 -3.49 -12.47
CA ALA A 140 2.69 -2.19 -12.75
C ALA A 140 1.65 -1.10 -12.54
N ALA A 141 0.44 -1.42 -12.98
CA ALA A 141 -0.73 -0.56 -12.86
C ALA A 141 -1.09 -0.37 -11.38
N ARG A 142 -1.05 -1.47 -10.64
CA ARG A 142 -1.40 -1.45 -9.22
C ARG A 142 -0.42 -0.57 -8.45
N ALA A 143 0.88 -0.80 -8.71
CA ALA A 143 2.00 -0.22 -7.99
C ALA A 143 2.24 1.25 -8.33
N GLY A 144 1.75 1.71 -9.49
CA GLY A 144 2.02 3.06 -9.96
C GLY A 144 3.46 3.23 -10.49
N HIS A 145 3.91 2.29 -11.32
CA HIS A 145 5.18 2.45 -12.02
C HIS A 145 4.89 3.01 -13.40
N LEU A 146 4.96 4.34 -13.52
CA LEU A 146 4.35 4.98 -14.66
C LEU A 146 5.16 4.63 -15.90
N GLU A 147 6.48 4.77 -15.77
CA GLU A 147 7.33 4.66 -16.94
C GLU A 147 7.31 3.21 -17.42
N ILE A 148 7.25 2.30 -16.45
CA ILE A 148 7.21 0.89 -16.73
C ILE A 148 5.91 0.55 -17.47
N VAL A 149 4.81 1.17 -17.05
CA VAL A 149 3.55 0.97 -17.76
C VAL A 149 3.69 1.49 -19.20
N LYS A 150 4.46 2.59 -19.40
CA LYS A 150 4.70 3.15 -20.72
C LYS A 150 5.48 2.15 -21.56
N VAL A 151 6.53 1.58 -20.97
CA VAL A 151 7.37 0.64 -21.70
C VAL A 151 6.59 -0.63 -22.03
N LEU A 152 5.77 -1.09 -21.08
CA LEU A 152 4.95 -2.27 -21.26
C LEU A 152 4.04 -2.11 -22.47
N LEU A 153 3.39 -0.94 -22.56
CA LEU A 153 2.41 -0.70 -23.60
C LEU A 153 3.06 -0.54 -24.98
N ASP A 154 4.27 0.07 -25.02
CA ASP A 154 5.04 0.28 -26.23
C ASP A 154 5.47 -1.08 -26.79
N HIS A 155 5.73 -2.02 -25.88
CA HIS A 155 6.19 -3.35 -26.25
C HIS A 155 5.02 -4.30 -26.51
N GLY A 156 3.78 -3.79 -26.49
CA GLY A 156 2.61 -4.49 -27.00
C GLY A 156 1.82 -5.28 -25.95
N ALA A 157 1.89 -4.85 -24.68
CA ALA A 157 1.18 -5.51 -23.59
C ALA A 157 -0.33 -5.35 -23.74
N ASP A 158 -1.09 -6.37 -23.33
CA ASP A 158 -2.55 -6.32 -23.45
C ASP A 158 -3.15 -5.35 -22.45
N VAL A 159 -3.70 -4.25 -22.98
CA VAL A 159 -4.25 -3.13 -22.22
C VAL A 159 -5.49 -3.55 -21.43
N ASN A 160 -6.19 -4.57 -21.92
CA ASN A 160 -7.43 -4.96 -21.30
C ASN A 160 -7.33 -6.42 -20.85
N ALA A 161 -6.14 -6.88 -20.45
CA ALA A 161 -6.02 -8.21 -19.88
C ALA A 161 -6.79 -8.28 -18.56
N THR A 162 -7.45 -9.42 -18.28
CA THR A 162 -8.23 -9.56 -17.06
C THR A 162 -7.71 -10.67 -16.14
N ASP A 163 -7.66 -10.34 -14.86
CA ASP A 163 -7.29 -11.33 -13.86
C ASP A 163 -8.53 -12.14 -13.53
N ILE A 164 -8.38 -12.97 -12.49
CA ILE A 164 -9.36 -13.86 -11.91
C ILE A 164 -10.61 -13.11 -11.45
N TRP A 165 -10.52 -11.80 -11.25
CA TRP A 165 -11.71 -11.08 -10.83
C TRP A 165 -12.50 -10.44 -11.97
N ASP A 166 -11.97 -10.48 -13.20
CA ASP A 166 -12.51 -9.66 -14.29
C ASP A 166 -11.91 -8.25 -14.27
N ALA A 167 -10.82 -8.03 -13.51
CA ALA A 167 -10.24 -6.71 -13.41
C ALA A 167 -9.16 -6.52 -14.48
N THR A 168 -9.23 -5.36 -15.14
CA THR A 168 -8.24 -4.92 -16.13
C THR A 168 -7.29 -3.94 -15.49
N PRO A 169 -6.11 -3.70 -16.10
CA PRO A 169 -5.19 -2.67 -15.63
C PRO A 169 -5.86 -1.31 -15.44
N LEU A 170 -6.79 -0.96 -16.32
CA LEU A 170 -7.48 0.31 -16.14
C LEU A 170 -8.30 0.31 -14.85
N HIS A 171 -8.81 -0.86 -14.42
CA HIS A 171 -9.55 -0.99 -13.18
C HIS A 171 -8.65 -0.64 -12.00
N LEU A 172 -7.42 -1.13 -12.06
CA LEU A 172 -6.47 -0.98 -10.96
C LEU A 172 -5.96 0.46 -10.91
N ALA A 173 -5.70 1.05 -12.09
CA ALA A 173 -5.19 2.42 -12.22
C ALA A 173 -6.21 3.42 -11.71
N ALA A 174 -7.46 3.17 -12.08
CA ALA A 174 -8.60 3.96 -11.68
C ALA A 174 -8.73 3.93 -10.16
N LEU A 175 -8.62 2.72 -9.59
CA LEU A 175 -8.83 2.51 -8.18
C LEU A 175 -7.75 3.23 -7.37
N ILE A 176 -6.50 3.15 -7.82
CA ILE A 176 -5.41 3.63 -6.98
C ILE A 176 -5.20 5.13 -7.16
N GLY A 177 -5.88 5.74 -8.14
CA GLY A 177 -5.71 7.18 -8.40
C GLY A 177 -4.38 7.51 -9.08
N HIS A 178 -4.00 6.71 -10.09
CA HIS A 178 -2.81 6.99 -10.90
C HIS A 178 -3.25 7.62 -12.23
N LEU A 179 -3.31 8.96 -12.26
CA LEU A 179 -4.03 9.69 -13.29
C LEU A 179 -3.37 9.49 -14.67
N GLU A 180 -2.05 9.75 -14.75
CA GLU A 180 -1.29 9.61 -15.98
C GLU A 180 -1.40 8.20 -16.53
N ILE A 181 -1.34 7.21 -15.65
CA ILE A 181 -1.35 5.83 -16.09
C ILE A 181 -2.68 5.57 -16.77
N VAL A 182 -3.76 6.12 -16.18
CA VAL A 182 -5.10 6.03 -16.73
C VAL A 182 -5.12 6.70 -18.11
N GLU A 183 -4.39 7.82 -18.25
CA GLU A 183 -4.24 8.53 -19.51
C GLU A 183 -3.58 7.61 -20.55
N VAL A 184 -2.47 7.00 -20.16
CA VAL A 184 -1.67 6.25 -21.11
C VAL A 184 -2.48 5.05 -21.59
N LEU A 185 -3.08 4.36 -20.62
CA LEU A 185 -3.94 3.22 -20.86
C LEU A 185 -5.06 3.58 -21.84
N LEU A 186 -5.74 4.71 -21.61
CA LEU A 186 -6.90 5.10 -22.41
C LEU A 186 -6.48 5.36 -23.85
N LYS A 187 -5.31 5.95 -24.05
CA LYS A 187 -4.88 6.35 -25.38
C LYS A 187 -4.42 5.12 -26.19
N ASN A 188 -4.07 4.05 -25.49
CA ASN A 188 -3.66 2.81 -26.14
C ASN A 188 -4.86 1.89 -26.37
N GLY A 189 -6.06 2.36 -26.01
CA GLY A 189 -7.28 1.64 -26.34
C GLY A 189 -7.85 0.80 -25.21
N ALA A 190 -7.58 1.18 -23.96
CA ALA A 190 -8.21 0.53 -22.80
C ALA A 190 -9.71 0.76 -22.81
N ASP A 191 -10.48 -0.29 -22.51
CA ASP A 191 -11.93 -0.21 -22.56
C ASP A 191 -12.42 0.54 -21.31
N VAL A 192 -12.97 1.73 -21.52
CA VAL A 192 -13.43 2.63 -20.47
C VAL A 192 -14.62 2.04 -19.72
N ASN A 193 -15.38 1.18 -20.40
CA ASN A 193 -16.59 0.62 -19.82
C ASN A 193 -16.45 -0.90 -19.72
N ALA A 194 -15.22 -1.38 -19.58
CA ALA A 194 -15.05 -2.77 -19.25
C ALA A 194 -15.60 -3.03 -17.85
N SER A 195 -16.24 -4.18 -17.68
CA SER A 195 -16.89 -4.57 -16.45
C SER A 195 -16.20 -5.79 -15.85
N ASP A 196 -15.91 -5.74 -14.55
CA ASP A 196 -15.53 -6.96 -13.86
C ASP A 196 -16.80 -7.75 -13.61
N ILE A 197 -16.69 -8.90 -12.94
CA ILE A 197 -17.82 -9.79 -12.74
C ILE A 197 -18.82 -9.16 -11.77
N THR A 198 -18.38 -8.11 -11.05
CA THR A 198 -19.22 -7.45 -10.07
C THR A 198 -20.03 -6.34 -10.74
N GLY A 199 -19.78 -6.12 -12.03
CA GLY A 199 -20.47 -5.11 -12.81
C GLY A 199 -19.85 -3.73 -12.63
N THR A 200 -18.61 -3.69 -12.13
CA THR A 200 -17.91 -2.44 -11.90
C THR A 200 -17.10 -2.05 -13.13
N THR A 201 -17.26 -0.77 -13.54
CA THR A 201 -16.45 -0.11 -14.55
C THR A 201 -15.42 0.76 -13.86
N PRO A 202 -14.37 1.18 -14.59
CA PRO A 202 -13.36 2.08 -14.03
C PRO A 202 -13.95 3.34 -13.43
N LEU A 203 -14.97 3.87 -14.11
CA LEU A 203 -15.63 5.05 -13.59
C LEU A 203 -16.22 4.79 -12.21
N HIS A 204 -16.69 3.55 -11.95
CA HIS A 204 -17.31 3.21 -10.66
C HIS A 204 -16.29 3.36 -9.54
N LEU A 205 -15.08 2.88 -9.84
CA LEU A 205 -13.96 2.84 -8.90
C LEU A 205 -13.51 4.25 -8.57
N ALA A 206 -13.40 5.07 -9.62
CA ALA A 206 -12.94 6.45 -9.52
C ALA A 206 -13.93 7.26 -8.72
N ALA A 207 -15.21 7.04 -8.98
CA ALA A 207 -16.25 7.75 -8.27
C ALA A 207 -16.25 7.36 -6.79
N THR A 208 -16.00 6.08 -6.52
CA THR A 208 -16.11 5.60 -5.16
C THR A 208 -14.94 6.07 -4.31
N MET A 209 -13.73 6.08 -4.90
CA MET A 209 -12.52 6.45 -4.20
C MET A 209 -12.38 7.97 -4.09
N GLY A 210 -13.19 8.72 -4.86
CA GLY A 210 -13.14 10.18 -4.85
C GLY A 210 -11.98 10.76 -5.68
N HIS A 211 -11.71 10.15 -6.85
CA HIS A 211 -10.68 10.61 -7.76
C HIS A 211 -11.30 11.48 -8.85
N LEU A 212 -11.34 12.80 -8.60
CA LEU A 212 -12.20 13.71 -9.35
C LEU A 212 -11.75 13.84 -10.81
N GLU A 213 -10.46 14.11 -10.99
CA GLU A 213 -9.90 14.35 -12.32
C GLU A 213 -9.95 13.09 -13.17
N ILE A 214 -9.72 11.94 -12.54
CA ILE A 214 -9.76 10.68 -13.24
C ILE A 214 -11.18 10.44 -13.75
N VAL A 215 -12.17 10.78 -12.90
CA VAL A 215 -13.56 10.68 -13.26
C VAL A 215 -13.79 11.52 -14.50
N GLU A 216 -13.16 12.70 -14.55
CA GLU A 216 -13.30 13.62 -15.66
C GLU A 216 -12.68 13.03 -16.93
N VAL A 217 -11.50 12.40 -16.81
CA VAL A 217 -10.78 11.88 -17.96
C VAL A 217 -11.55 10.72 -18.60
N LEU A 218 -12.07 9.85 -17.72
CA LEU A 218 -12.88 8.72 -18.11
C LEU A 218 -14.12 9.21 -18.86
N LEU A 219 -14.76 10.25 -18.32
CA LEU A 219 -15.98 10.78 -18.89
C LEU A 219 -15.72 11.33 -20.30
N LYS A 220 -14.55 11.97 -20.51
CA LYS A 220 -14.20 12.58 -21.78
C LYS A 220 -14.01 11.50 -22.84
N TYR A 221 -13.56 10.32 -22.40
CA TYR A 221 -13.26 9.21 -23.31
C TYR A 221 -14.49 8.33 -23.52
N GLY A 222 -15.62 8.71 -22.89
CA GLY A 222 -16.91 8.12 -23.18
C GLY A 222 -17.35 7.04 -22.18
N ALA A 223 -16.93 7.17 -20.90
CA ALA A 223 -17.38 6.27 -19.84
C ALA A 223 -18.87 6.45 -19.55
N ASP A 224 -19.57 5.36 -19.25
CA ASP A 224 -21.00 5.41 -19.02
C ASP A 224 -21.31 5.97 -17.63
N VAL A 225 -21.87 7.20 -17.57
CA VAL A 225 -22.17 7.97 -16.36
C VAL A 225 -23.22 7.26 -15.50
N ASN A 226 -24.05 6.46 -16.17
CA ASN A 226 -25.19 5.86 -15.51
C ASN A 226 -25.07 4.34 -15.58
N ALA A 227 -23.84 3.81 -15.74
CA ALA A 227 -23.68 2.38 -15.65
C ALA A 227 -23.96 1.95 -14.21
N TYR A 228 -24.49 0.73 -14.08
CA TYR A 228 -24.91 0.13 -12.82
C TYR A 228 -24.10 -1.14 -12.55
N ASP A 229 -23.77 -1.37 -11.27
CA ASP A 229 -23.16 -2.60 -10.81
C ASP A 229 -24.25 -3.59 -10.41
N LEU A 230 -23.87 -4.66 -9.70
CA LEU A 230 -24.80 -5.71 -9.27
C LEU A 230 -25.74 -5.22 -8.16
N ASN A 231 -25.45 -4.04 -7.57
CA ASN A 231 -26.36 -3.40 -6.63
C ASN A 231 -27.41 -2.58 -7.38
N GLY A 232 -27.25 -2.44 -8.71
CA GLY A 232 -27.96 -1.46 -9.52
C GLY A 232 -27.57 -0.02 -9.18
N ALA A 233 -26.31 0.14 -8.73
CA ALA A 233 -25.77 1.42 -8.29
C ALA A 233 -25.01 2.08 -9.43
N THR A 234 -25.36 3.34 -9.67
CA THR A 234 -24.65 4.18 -10.63
C THR A 234 -23.53 4.88 -9.90
N PRO A 235 -22.55 5.44 -10.64
CA PRO A 235 -21.50 6.25 -10.01
C PRO A 235 -22.06 7.30 -9.05
N LEU A 236 -23.25 7.82 -9.39
CA LEU A 236 -23.83 8.82 -8.51
C LEU A 236 -24.23 8.20 -7.18
N HIS A 237 -24.66 6.93 -7.15
CA HIS A 237 -24.98 6.27 -5.89
C HIS A 237 -23.74 6.15 -5.02
N LEU A 238 -22.65 5.69 -5.65
CA LEU A 238 -21.41 5.45 -4.92
C LEU A 238 -20.83 6.77 -4.41
N ALA A 239 -20.87 7.81 -5.25
CA ALA A 239 -20.36 9.13 -4.90
C ALA A 239 -21.12 9.66 -3.70
N ALA A 240 -22.44 9.48 -3.69
CA ALA A 240 -23.34 9.95 -2.64
C ALA A 240 -22.98 9.30 -1.31
N ARG A 241 -22.82 7.98 -1.33
CA ARG A 241 -22.57 7.21 -0.09
C ARG A 241 -21.27 7.70 0.55
N MET A 242 -20.29 8.06 -0.27
CA MET A 242 -18.99 8.47 0.23
C MET A 242 -18.91 9.98 0.50
N GLY A 243 -19.99 10.72 0.23
CA GLY A 243 -20.03 12.17 0.46
C GLY A 243 -19.09 13.01 -0.42
N HIS A 244 -18.98 12.67 -1.71
CA HIS A 244 -18.08 13.37 -2.63
C HIS A 244 -18.78 14.47 -3.42
N VAL A 245 -18.67 15.72 -2.94
CA VAL A 245 -19.53 16.78 -3.44
C VAL A 245 -19.12 17.14 -4.87
N GLU A 246 -17.80 17.27 -5.06
CA GLU A 246 -17.23 17.75 -6.30
C GLU A 246 -17.55 16.75 -7.41
N ILE A 247 -17.49 15.46 -7.06
CA ILE A 247 -17.70 14.38 -8.03
C ILE A 247 -19.16 14.36 -8.44
N VAL A 248 -20.06 14.61 -7.48
CA VAL A 248 -21.48 14.66 -7.79
C VAL A 248 -21.71 15.74 -8.85
N GLU A 249 -21.07 16.90 -8.67
CA GLU A 249 -21.17 18.00 -9.63
C GLU A 249 -20.63 17.60 -11.01
N VAL A 250 -19.52 16.84 -11.05
CA VAL A 250 -18.93 16.44 -12.33
C VAL A 250 -19.81 15.41 -13.02
N LEU A 251 -20.48 14.57 -12.21
CA LEU A 251 -21.42 13.57 -12.67
C LEU A 251 -22.61 14.28 -13.31
N LEU A 252 -23.13 15.28 -12.60
CA LEU A 252 -24.24 16.10 -13.06
C LEU A 252 -23.92 16.71 -14.43
N LYS A 253 -22.69 17.25 -14.60
CA LYS A 253 -22.24 17.91 -15.83
C LYS A 253 -22.36 16.96 -17.03
N TYR A 254 -22.17 15.67 -16.77
CA TYR A 254 -22.06 14.70 -17.84
C TYR A 254 -23.34 13.85 -17.98
N GLY A 255 -24.43 14.27 -17.32
CA GLY A 255 -25.74 13.70 -17.61
C GLY A 255 -26.20 12.58 -16.68
N ALA A 256 -25.74 12.61 -15.42
CA ALA A 256 -26.11 11.62 -14.42
C ALA A 256 -27.60 11.63 -14.11
N ASP A 257 -28.19 10.43 -13.93
CA ASP A 257 -29.58 10.25 -13.51
C ASP A 257 -29.75 10.32 -11.99
N VAL A 258 -30.27 11.46 -11.50
CA VAL A 258 -30.42 11.75 -10.07
C VAL A 258 -31.35 10.73 -9.40
N ASN A 259 -32.39 10.29 -10.12
CA ASN A 259 -33.44 9.51 -9.50
C ASN A 259 -33.35 8.04 -9.91
N ALA A 260 -32.17 7.63 -10.40
CA ALA A 260 -31.91 6.21 -10.57
C ALA A 260 -32.02 5.51 -9.21
N GLN A 261 -32.77 4.41 -9.16
CA GLN A 261 -32.94 3.66 -7.93
C GLN A 261 -32.14 2.36 -8.02
N ASP A 262 -31.37 2.07 -6.97
CA ASP A 262 -30.63 0.82 -6.87
C ASP A 262 -31.62 -0.29 -6.50
N LYS A 263 -31.08 -1.49 -6.21
CA LYS A 263 -31.93 -2.64 -5.92
C LYS A 263 -32.56 -2.55 -4.52
N PHE A 264 -32.20 -1.53 -3.71
CA PHE A 264 -32.89 -1.20 -2.47
C PHE A 264 -34.03 -0.19 -2.73
N GLY A 265 -34.06 0.37 -3.93
CA GLY A 265 -35.04 1.39 -4.28
C GLY A 265 -34.56 2.78 -3.84
N LYS A 266 -33.27 2.86 -3.49
CA LYS A 266 -32.70 4.10 -2.98
C LYS A 266 -32.10 4.92 -4.10
N THR A 267 -32.42 6.23 -4.05
CA THR A 267 -31.78 7.24 -4.88
C THR A 267 -30.59 7.80 -4.13
N ALA A 268 -29.71 8.47 -4.85
CA ALA A 268 -28.62 9.24 -4.28
C ALA A 268 -29.12 10.21 -3.23
N PHE A 269 -30.29 10.82 -3.45
CA PHE A 269 -30.83 11.77 -2.50
C PHE A 269 -31.24 11.07 -1.20
N ASP A 270 -31.87 9.89 -1.34
CA ASP A 270 -32.20 9.05 -0.20
C ASP A 270 -30.96 8.80 0.66
N ILE A 271 -29.88 8.38 -0.01
CA ILE A 271 -28.59 8.12 0.61
C ILE A 271 -28.14 9.34 1.43
N SER A 272 -28.24 10.54 0.84
CA SER A 272 -27.80 11.78 1.48
C SER A 272 -28.55 12.02 2.77
N ILE A 273 -29.86 11.77 2.78
CA ILE A 273 -30.64 11.95 4.00
C ILE A 273 -30.23 10.92 5.03
N ASP A 274 -29.99 9.68 4.59
CA ASP A 274 -29.61 8.57 5.45
C ASP A 274 -28.28 8.84 6.15
N ASN A 275 -27.40 9.63 5.50
CA ASN A 275 -26.09 9.94 6.04
C ASN A 275 -26.09 11.33 6.68
N GLY A 276 -27.23 12.05 6.57
CA GLY A 276 -27.36 13.41 7.05
C GLY A 276 -26.36 14.34 6.38
N ASN A 277 -26.16 14.16 5.07
CA ASN A 277 -25.22 14.94 4.29
C ASN A 277 -25.93 16.16 3.69
N GLU A 278 -25.81 17.29 4.42
CA GLU A 278 -26.34 18.61 4.12
C GLU A 278 -26.04 19.02 2.67
N ASP A 279 -24.77 18.92 2.29
CA ASP A 279 -24.23 19.49 1.07
C ASP A 279 -24.83 18.78 -0.13
N LEU A 280 -24.82 17.45 -0.01
CA LEU A 280 -25.27 16.56 -1.08
C LEU A 280 -26.77 16.73 -1.25
N ALA A 281 -27.49 16.75 -0.12
CA ALA A 281 -28.95 16.85 -0.12
C ALA A 281 -29.39 18.14 -0.81
N GLU A 282 -28.69 19.26 -0.61
CA GLU A 282 -28.98 20.55 -1.22
C GLU A 282 -28.84 20.47 -2.75
N ILE A 283 -27.73 19.90 -3.21
CA ILE A 283 -27.44 19.90 -4.63
C ILE A 283 -28.29 18.85 -5.33
N LEU A 284 -28.44 17.69 -4.70
CA LEU A 284 -29.25 16.59 -5.24
C LEU A 284 -30.72 16.95 -5.24
N GLN A 285 -31.19 17.71 -4.25
CA GLN A 285 -32.57 18.16 -4.15
C GLN A 285 -32.88 19.04 -5.36
N ALA A 286 -31.94 19.93 -5.69
CA ALA A 286 -32.08 20.84 -6.80
C ALA A 286 -32.16 20.05 -8.11
N ALA A 287 -31.28 19.05 -8.24
CA ALA A 287 -31.18 18.23 -9.44
C ALA A 287 -32.41 17.35 -9.62
N ALA A 288 -33.07 16.95 -8.51
CA ALA A 288 -34.22 16.06 -8.52
C ALA A 288 -35.44 16.79 -9.07
N LEU A 289 -35.54 18.09 -8.76
CA LEU A 289 -36.73 18.82 -9.18
C LEU A 289 -36.72 19.07 -10.69
N GLU A 290 -35.53 19.11 -11.33
CA GLU A 290 -35.42 19.31 -12.76
C GLU A 290 -35.97 18.08 -13.49
N PRO B 7 -9.44 -3.64 23.38
CA PRO B 7 -8.53 -3.09 24.38
C PRO B 7 -8.00 -1.72 23.93
N LYS B 8 -6.67 -1.64 23.73
CA LYS B 8 -6.02 -0.48 23.16
C LYS B 8 -6.45 -0.34 21.71
N PHE B 9 -6.92 -1.45 21.14
CA PHE B 9 -7.45 -1.54 19.78
C PHE B 9 -8.69 -0.67 19.61
N GLU B 10 -9.55 -0.64 20.62
CA GLU B 10 -10.83 0.04 20.51
C GLU B 10 -10.65 1.54 20.34
N SER B 11 -9.61 2.09 21.01
CA SER B 11 -9.27 3.52 21.00
C SER B 11 -9.01 3.97 19.57
N LYS B 12 -8.13 3.21 18.91
CA LYS B 12 -7.71 3.54 17.56
C LYS B 12 -8.84 3.35 16.56
N ALA B 13 -9.70 2.35 16.78
CA ALA B 13 -10.80 2.08 15.86
C ALA B 13 -11.78 3.24 15.87
N ALA B 14 -11.98 3.83 17.05
CA ALA B 14 -12.87 4.95 17.20
C ALA B 14 -12.31 6.20 16.54
N LEU B 15 -10.98 6.41 16.60
CA LEU B 15 -10.31 7.57 16.02
C LEU B 15 -10.51 7.58 14.50
N LEU B 16 -10.43 6.39 13.90
CA LEU B 16 -10.47 6.22 12.47
C LEU B 16 -11.91 6.36 11.96
N ALA B 17 -12.87 5.84 12.73
CA ALA B 17 -14.26 5.79 12.30
C ALA B 17 -14.78 7.21 12.09
N ALA B 18 -14.30 8.15 12.93
CA ALA B 18 -14.67 9.55 12.88
C ALA B 18 -14.09 10.23 11.65
N ARG B 19 -12.93 9.73 11.21
CA ARG B 19 -12.22 10.20 9.98
C ARG B 19 -12.93 9.79 8.68
N GLY B 20 -13.43 8.55 8.61
CA GLY B 20 -14.04 8.01 7.40
C GLY B 20 -15.15 7.01 7.73
N PRO B 21 -16.38 7.48 8.01
CA PRO B 21 -17.51 6.58 8.26
C PRO B 21 -17.86 5.81 6.99
N GLU B 22 -18.25 4.54 7.17
CA GLU B 22 -18.73 3.66 6.11
C GLU B 22 -17.64 3.41 5.06
N GLU B 23 -16.37 3.64 5.45
CA GLU B 23 -15.20 3.37 4.62
C GLU B 23 -14.50 2.10 5.13
N LEU B 24 -13.61 1.55 4.31
CA LEU B 24 -12.84 0.37 4.68
C LEU B 24 -11.47 0.79 5.21
N LEU B 25 -11.35 0.78 6.54
CA LEU B 25 -10.20 1.31 7.25
C LEU B 25 -9.25 0.17 7.64
N CYS B 26 -8.02 0.24 7.14
CA CYS B 26 -7.04 -0.75 7.50
C CYS B 26 -5.88 -0.04 8.18
N PHE B 27 -5.26 -0.69 9.18
CA PHE B 27 -4.13 -0.08 9.86
C PHE B 27 -3.24 -1.13 10.49
N THR B 28 -2.01 -0.70 10.83
CA THR B 28 -1.00 -1.50 11.50
C THR B 28 -0.51 -0.79 12.74
N GLU B 29 -0.42 -1.55 13.83
CA GLU B 29 -0.01 -1.10 15.14
C GLU B 29 1.53 -1.12 15.26
N ARG B 30 2.19 -2.21 14.84
CA ARG B 30 3.61 -2.36 15.08
C ARG B 30 4.34 -2.91 13.85
N LEU B 31 3.76 -2.75 12.65
CA LEU B 31 4.41 -3.13 11.40
C LEU B 31 4.49 -4.65 11.26
N GLU B 32 3.97 -5.39 12.25
CA GLU B 32 4.08 -6.84 12.26
C GLU B 32 2.71 -7.50 12.15
N ASP B 33 1.64 -6.69 12.10
CA ASP B 33 0.30 -7.18 11.79
C ASP B 33 -0.51 -6.13 11.01
N LEU B 34 -1.84 -6.40 10.90
CA LEU B 34 -2.82 -5.71 10.06
C LEU B 34 -4.24 -6.22 10.33
N VAL B 35 -5.10 -5.23 10.54
CA VAL B 35 -6.52 -5.42 10.69
C VAL B 35 -7.22 -4.45 9.75
N CYS B 36 -8.10 -4.99 8.92
CA CYS B 36 -9.01 -4.13 8.19
C CYS B 36 -10.42 -4.25 8.76
N PHE B 37 -11.15 -3.13 8.78
CA PHE B 37 -12.47 -3.09 9.38
C PHE B 37 -13.35 -2.00 8.77
N TRP B 38 -14.67 -2.22 8.84
CA TRP B 38 -15.68 -1.23 8.49
C TRP B 38 -16.90 -1.46 9.36
N GLU B 39 -17.83 -0.50 9.35
CA GLU B 39 -19.04 -0.57 10.13
C GLU B 39 -20.21 -0.14 9.27
N GLU B 40 -21.36 -0.80 9.43
CA GLU B 40 -22.50 -0.48 8.59
C GLU B 40 -23.80 -0.68 9.35
N ALA B 41 -24.90 -0.26 8.72
CA ALA B 41 -26.20 -0.22 9.38
C ALA B 41 -26.91 -1.55 9.17
N ALA B 42 -28.25 -1.50 9.28
CA ALA B 42 -29.18 -2.57 8.94
C ALA B 42 -29.16 -2.82 7.43
N SER B 43 -29.43 -4.07 7.04
CA SER B 43 -29.21 -4.62 5.71
C SER B 43 -30.35 -4.23 4.75
N GLY B 49 -20.55 -13.24 9.44
CA GLY B 49 -20.20 -12.51 8.24
C GLY B 49 -21.07 -12.92 7.04
N GLN B 50 -21.75 -11.92 6.47
CA GLN B 50 -22.49 -12.05 5.21
C GLN B 50 -21.65 -11.47 4.07
N TYR B 51 -20.35 -11.44 4.30
CA TYR B 51 -19.37 -10.79 3.45
C TYR B 51 -18.17 -11.71 3.29
N SER B 52 -17.46 -11.55 2.16
CA SER B 52 -16.24 -12.30 1.84
C SER B 52 -15.06 -11.34 1.75
N PHE B 53 -14.04 -11.65 2.54
CA PHE B 53 -12.81 -10.88 2.55
C PHE B 53 -11.72 -11.68 1.83
N SER B 54 -11.28 -11.13 0.71
CA SER B 54 -10.19 -11.70 -0.07
C SER B 54 -9.10 -10.66 -0.29
N TYR B 55 -7.86 -11.14 -0.45
CA TYR B 55 -6.73 -10.25 -0.63
C TYR B 55 -5.66 -10.91 -1.49
N GLN B 56 -4.93 -10.08 -2.21
CA GLN B 56 -3.83 -10.55 -3.03
C GLN B 56 -2.61 -9.74 -2.64
N LEU B 57 -1.51 -10.46 -2.46
CA LEU B 57 -0.33 -9.74 -2.04
C LEU B 57 0.83 -10.06 -2.97
N GLU B 58 1.19 -9.10 -3.82
CA GLU B 58 2.45 -9.00 -4.54
C GLU B 58 2.83 -10.37 -5.11
N ASP B 59 2.18 -10.77 -6.20
CA ASP B 59 2.76 -11.84 -6.98
C ASP B 59 2.45 -13.20 -6.34
N GLU B 60 1.48 -13.23 -5.41
CA GLU B 60 0.97 -14.46 -4.83
C GLU B 60 -0.51 -14.56 -5.16
N PRO B 61 -1.09 -15.76 -5.29
CA PRO B 61 -2.51 -15.86 -5.61
C PRO B 61 -3.42 -15.29 -4.53
N TRP B 62 -4.66 -15.05 -4.95
CA TRP B 62 -5.70 -14.48 -4.11
C TRP B 62 -6.10 -15.41 -2.98
N LYS B 63 -5.98 -14.90 -1.74
CA LYS B 63 -6.32 -15.67 -0.56
C LYS B 63 -7.52 -15.04 0.14
N LEU B 64 -8.09 -15.76 1.13
CA LEU B 64 -9.22 -15.30 1.91
C LEU B 64 -8.82 -15.02 3.37
N CYS B 65 -9.71 -14.30 4.08
CA CYS B 65 -9.50 -13.98 5.49
C CYS B 65 -10.82 -14.14 6.26
N ARG B 66 -10.74 -14.76 7.45
CA ARG B 66 -11.87 -15.02 8.33
C ARG B 66 -12.39 -13.70 8.88
N LEU B 67 -13.62 -13.34 8.47
CA LEU B 67 -14.24 -12.15 8.99
C LEU B 67 -14.86 -12.41 10.35
N HIS B 68 -14.65 -11.45 11.25
CA HIS B 68 -15.29 -11.45 12.55
C HIS B 68 -16.36 -10.36 12.56
N GLN B 69 -17.55 -10.71 13.07
CA GLN B 69 -18.67 -9.80 13.21
C GLN B 69 -18.93 -9.52 14.70
N ALA B 70 -19.00 -8.22 15.05
CA ALA B 70 -19.36 -7.78 16.39
C ALA B 70 -20.14 -6.47 16.30
N PRO B 71 -21.06 -6.20 17.25
CA PRO B 71 -21.86 -4.96 17.20
C PRO B 71 -21.09 -3.76 17.76
N THR B 72 -21.66 -2.57 17.52
CA THR B 72 -21.22 -1.31 18.12
C THR B 72 -22.19 -0.16 17.82
N ALA B 73 -22.15 0.87 18.69
CA ALA B 73 -22.75 2.18 18.44
C ALA B 73 -24.26 2.08 18.27
N ARG B 74 -24.80 2.87 17.33
CA ARG B 74 -26.22 2.91 17.06
C ARG B 74 -26.54 1.95 15.91
N GLY B 75 -26.68 0.66 16.26
CA GLY B 75 -27.15 -0.34 15.32
C GLY B 75 -26.07 -0.77 14.33
N ALA B 76 -24.84 -0.24 14.52
CA ALA B 76 -23.73 -0.46 13.62
C ALA B 76 -23.04 -1.78 13.92
N VAL B 77 -22.94 -2.62 12.88
CA VAL B 77 -22.22 -3.88 12.93
C VAL B 77 -20.82 -3.61 12.38
N ARG B 78 -19.79 -4.11 13.08
CA ARG B 78 -18.41 -3.94 12.67
C ARG B 78 -17.83 -5.28 12.26
N PHE B 79 -17.42 -5.35 10.99
CA PHE B 79 -16.73 -6.51 10.47
C PHE B 79 -15.23 -6.16 10.42
N TRP B 80 -14.38 -7.13 10.79
CA TRP B 80 -12.95 -6.92 10.72
C TRP B 80 -12.22 -8.22 10.38
N CYS B 81 -11.03 -8.10 9.78
CA CYS B 81 -10.19 -9.24 9.44
C CYS B 81 -8.76 -8.95 9.89
N SER B 82 -8.16 -9.95 10.56
CA SER B 82 -6.77 -9.92 10.98
C SER B 82 -5.92 -10.81 10.07
N LEU B 83 -5.13 -10.16 9.20
CA LEU B 83 -4.23 -10.91 8.34
C LEU B 83 -3.12 -11.58 9.15
N PRO B 84 -2.68 -12.76 8.70
CA PRO B 84 -1.51 -13.42 9.29
C PRO B 84 -0.21 -12.62 9.23
N THR B 85 0.70 -12.90 10.17
CA THR B 85 2.04 -12.31 10.26
C THR B 85 2.93 -12.75 9.10
N ALA B 86 2.46 -13.74 8.34
CA ALA B 86 3.13 -14.33 7.19
C ALA B 86 3.05 -13.37 6.01
N ASP B 87 1.93 -12.63 5.95
CA ASP B 87 1.60 -11.77 4.83
C ASP B 87 1.66 -10.31 5.27
N THR B 88 2.70 -9.96 6.04
CA THR B 88 2.79 -8.63 6.61
C THR B 88 4.10 -7.97 6.24
N SER B 89 4.73 -8.43 5.17
CA SER B 89 5.92 -7.80 4.62
C SER B 89 5.52 -6.47 3.97
N SER B 90 6.36 -5.43 4.11
CA SER B 90 5.94 -4.06 3.82
C SER B 90 6.42 -3.60 2.44
N PHE B 91 6.04 -2.37 2.09
CA PHE B 91 6.51 -1.65 0.91
C PHE B 91 5.92 -2.21 -0.37
N VAL B 92 4.73 -2.84 -0.26
CA VAL B 92 4.22 -3.48 -1.45
C VAL B 92 2.71 -3.31 -1.55
N PRO B 93 2.17 -3.24 -2.79
CA PRO B 93 0.73 -3.17 -3.02
C PRO B 93 0.02 -4.39 -2.47
N LEU B 94 -1.01 -4.15 -1.67
CA LEU B 94 -1.84 -5.21 -1.11
C LEU B 94 -3.27 -4.89 -1.49
N GLU B 95 -3.80 -5.78 -2.33
CA GLU B 95 -5.11 -5.61 -2.93
C GLU B 95 -6.13 -6.30 -2.04
N LEU B 96 -7.21 -5.57 -1.72
CA LEU B 96 -8.25 -6.09 -0.84
C LEU B 96 -9.59 -5.99 -1.55
N ARG B 97 -10.47 -6.97 -1.28
CA ARG B 97 -11.81 -6.98 -1.82
C ARG B 97 -12.78 -7.53 -0.78
N VAL B 98 -13.82 -6.74 -0.56
CA VAL B 98 -14.97 -7.16 0.23
C VAL B 98 -16.16 -7.29 -0.70
N THR B 99 -16.67 -8.51 -0.74
CA THR B 99 -17.71 -8.86 -1.67
C THR B 99 -18.84 -9.49 -0.84
N ALA B 100 -20.10 -9.12 -1.12
CA ALA B 100 -21.20 -9.62 -0.32
C ALA B 100 -21.41 -11.10 -0.58
N ALA B 101 -22.32 -11.71 0.20
CA ALA B 101 -22.75 -13.09 -0.02
C ALA B 101 -23.29 -13.23 -1.44
N SER B 102 -24.09 -12.22 -1.79
CA SER B 102 -24.85 -12.14 -3.02
C SER B 102 -23.91 -11.99 -4.23
N GLY B 103 -22.64 -11.65 -4.01
CA GLY B 103 -21.68 -11.48 -5.10
C GLY B 103 -21.59 -10.04 -5.64
N ALA B 104 -22.30 -9.12 -5.01
CA ALA B 104 -22.13 -7.70 -5.32
C ALA B 104 -20.82 -7.18 -4.74
N PRO B 105 -20.09 -6.23 -5.39
CA PRO B 105 -18.94 -5.59 -4.76
C PRO B 105 -19.36 -4.63 -3.64
N ARG B 106 -18.43 -4.31 -2.75
CA ARG B 106 -18.73 -3.63 -1.50
C ARG B 106 -17.58 -2.67 -1.22
N TYR B 107 -16.36 -3.21 -1.33
CA TYR B 107 -15.11 -2.48 -1.29
C TYR B 107 -14.08 -3.17 -2.18
N HIS B 108 -13.15 -2.37 -2.69
CA HIS B 108 -11.99 -2.78 -3.46
C HIS B 108 -10.95 -1.68 -3.25
N ARG B 109 -9.89 -1.96 -2.49
CA ARG B 109 -8.84 -0.98 -2.31
C ARG B 109 -7.50 -1.59 -2.69
N VAL B 110 -6.56 -0.70 -2.99
CA VAL B 110 -5.15 -1.04 -2.98
C VAL B 110 -4.49 -0.11 -1.96
N ILE B 111 -3.87 -0.74 -0.96
CA ILE B 111 -3.15 -0.02 0.07
C ILE B 111 -1.72 -0.56 0.08
N HIS B 112 -0.85 0.15 0.80
CA HIS B 112 0.46 -0.37 1.16
C HIS B 112 0.44 -0.60 2.66
N ILE B 113 1.06 -1.71 3.11
CA ILE B 113 1.12 -2.09 4.52
C ILE B 113 1.80 -0.96 5.31
N ASN B 114 2.85 -0.41 4.72
CA ASN B 114 3.66 0.58 5.41
C ASN B 114 2.94 1.93 5.47
N GLU B 115 1.84 2.08 4.72
CA GLU B 115 1.25 3.41 4.56
C GLU B 115 0.03 3.61 5.46
N VAL B 116 -0.15 2.73 6.45
CA VAL B 116 -1.30 2.77 7.33
C VAL B 116 -0.87 2.48 8.77
N VAL B 117 0.07 3.29 9.28
CA VAL B 117 0.65 3.04 10.59
C VAL B 117 0.00 3.97 11.62
N LEU B 118 -0.61 3.35 12.64
CA LEU B 118 -1.20 4.02 13.78
C LEU B 118 -0.56 3.47 15.05
N LEU B 119 0.49 4.16 15.51
CA LEU B 119 1.28 3.66 16.62
C LEU B 119 0.56 3.92 17.94
N ASP B 120 0.98 3.21 19.00
CA ASP B 120 0.57 3.52 20.37
C ASP B 120 1.08 4.92 20.72
N ALA B 121 0.51 5.52 21.77
CA ALA B 121 1.00 6.80 22.27
C ALA B 121 2.40 6.64 22.87
N PRO B 122 3.30 7.64 22.71
CA PRO B 122 4.55 7.69 23.47
C PRO B 122 4.29 7.65 24.99
N VAL B 123 5.31 7.23 25.75
CA VAL B 123 5.20 7.08 27.20
C VAL B 123 6.47 7.60 27.86
N GLY B 124 6.42 7.68 29.20
CA GLY B 124 7.57 8.01 30.03
C GLY B 124 7.99 9.48 29.92
N LEU B 125 7.00 10.39 29.90
CA LEU B 125 7.24 11.82 29.84
C LEU B 125 8.02 12.29 31.07
N VAL B 126 9.05 13.13 30.81
CA VAL B 126 9.89 13.73 31.83
C VAL B 126 10.14 15.19 31.45
N ALA B 127 9.53 16.12 32.20
CA ALA B 127 9.67 17.54 31.93
C ALA B 127 10.57 18.19 32.98
N ARG B 128 11.51 19.03 32.52
CA ARG B 128 12.55 19.62 33.35
C ARG B 128 12.76 21.10 33.00
N LEU B 129 13.05 21.93 34.00
CA LEU B 129 13.29 23.34 33.73
C LEU B 129 14.70 23.55 33.21
N ALA B 130 14.88 24.49 32.27
CA ALA B 130 16.22 24.90 31.86
C ALA B 130 16.82 25.83 32.91
N ASP B 131 18.12 26.08 32.74
CA ASP B 131 18.92 26.89 33.66
C ASP B 131 18.49 28.35 33.57
N GLU B 132 17.77 28.70 32.49
CA GLU B 132 17.27 30.04 32.25
C GLU B 132 15.75 30.02 32.17
N SER B 133 15.11 31.07 32.67
CA SER B 133 13.66 31.16 32.73
C SER B 133 13.05 31.19 31.33
N GLY B 134 11.98 30.39 31.14
CA GLY B 134 11.22 30.40 29.91
C GLY B 134 11.47 29.16 29.05
N HIS B 135 12.52 28.41 29.39
CA HIS B 135 12.93 27.23 28.64
C HIS B 135 12.60 25.97 29.43
N VAL B 136 12.13 24.93 28.73
CA VAL B 136 11.74 23.64 29.32
C VAL B 136 12.24 22.50 28.43
N VAL B 137 12.82 21.47 29.04
CA VAL B 137 13.33 20.29 28.36
C VAL B 137 12.34 19.15 28.56
N LEU B 138 11.81 18.59 27.47
CA LEU B 138 10.93 17.43 27.55
C LEU B 138 11.60 16.20 26.94
N ARG B 139 11.52 15.05 27.63
CA ARG B 139 11.97 13.76 27.12
C ARG B 139 10.85 12.73 27.26
N TRP B 140 10.89 11.70 26.40
CA TRP B 140 9.90 10.62 26.39
C TRP B 140 10.49 9.37 25.74
N LEU B 141 9.65 8.34 25.60
CA LEU B 141 10.04 7.06 25.02
C LEU B 141 9.20 6.76 23.78
N PRO B 142 9.77 6.11 22.73
CA PRO B 142 9.01 5.67 21.56
C PRO B 142 7.89 4.72 21.98
N PRO B 143 6.84 4.52 21.17
CA PRO B 143 5.83 3.51 21.46
C PRO B 143 6.49 2.16 21.76
N PRO B 144 6.25 1.54 22.94
CA PRO B 144 6.94 0.31 23.33
C PRO B 144 6.84 -0.80 22.28
N GLU B 145 7.96 -1.50 22.06
CA GLU B 145 8.00 -2.73 21.29
C GLU B 145 7.63 -2.43 19.84
N THR B 146 8.09 -1.27 19.39
CA THR B 146 7.94 -0.86 18.00
C THR B 146 9.32 -0.84 17.34
N PRO B 147 9.44 -1.38 16.12
CA PRO B 147 10.64 -1.16 15.31
C PRO B 147 10.66 0.23 14.67
N MET B 148 11.78 0.55 14.00
CA MET B 148 11.90 1.75 13.18
C MET B 148 11.67 2.99 14.04
N THR B 149 12.21 2.97 15.26
CA THR B 149 12.19 4.09 16.19
C THR B 149 12.80 5.33 15.51
N SER B 150 13.69 5.09 14.54
CA SER B 150 14.35 6.13 13.77
C SER B 150 13.41 6.84 12.81
N HIS B 151 12.28 6.20 12.46
CA HIS B 151 11.41 6.82 11.48
C HIS B 151 10.17 7.41 12.13
N ILE B 152 10.10 7.44 13.47
CA ILE B 152 8.94 7.96 14.16
C ILE B 152 9.14 9.45 14.48
N ARG B 153 8.19 10.28 14.04
CA ARG B 153 8.19 11.70 14.36
C ARG B 153 7.09 11.97 15.40
N TYR B 154 7.31 12.98 16.23
CA TYR B 154 6.40 13.29 17.33
C TYR B 154 5.93 14.73 17.19
N GLU B 155 4.82 15.05 17.88
CA GLU B 155 4.36 16.42 18.02
C GLU B 155 4.09 16.70 19.50
N VAL B 156 4.59 17.84 19.98
CA VAL B 156 4.44 18.27 21.36
C VAL B 156 3.35 19.33 21.42
N ASP B 157 2.40 19.12 22.34
CA ASP B 157 1.36 20.08 22.64
C ASP B 157 1.64 20.71 23.99
N VAL B 158 1.60 22.05 24.01
CA VAL B 158 1.74 22.82 25.23
C VAL B 158 0.42 23.52 25.49
N SER B 159 -0.24 23.09 26.58
CA SER B 159 -1.45 23.72 27.07
C SER B 159 -1.11 24.51 28.32
N ALA B 160 -1.89 25.55 28.58
CA ALA B 160 -1.90 26.10 29.91
C ALA B 160 -3.34 26.07 30.42
N GLY B 161 -3.48 26.06 31.74
CA GLY B 161 -4.81 26.02 32.33
C GLY B 161 -5.56 27.34 32.13
N GLN B 162 -6.77 27.39 32.66
CA GLN B 162 -7.55 28.62 32.79
C GLN B 162 -7.91 29.20 31.42
N GLY B 163 -8.35 28.35 30.47
CA GLY B 163 -8.82 28.77 29.17
C GLY B 163 -7.72 29.33 28.26
N ALA B 164 -6.48 28.99 28.57
CA ALA B 164 -5.40 29.29 27.65
C ALA B 164 -5.48 28.32 26.48
N GLY B 165 -5.86 27.07 26.78
CA GLY B 165 -5.92 25.99 25.80
C GLY B 165 -4.54 25.65 25.23
N SER B 166 -4.50 25.22 23.96
CA SER B 166 -3.25 24.87 23.31
C SER B 166 -2.55 26.11 22.76
N VAL B 167 -1.33 26.34 23.26
CA VAL B 167 -0.57 27.54 22.98
C VAL B 167 0.53 27.24 21.97
N GLN B 168 1.12 26.05 22.08
CA GLN B 168 2.22 25.68 21.20
C GLN B 168 1.98 24.26 20.68
N ARG B 169 2.38 24.08 19.41
CA ARG B 169 2.33 22.80 18.73
C ARG B 169 3.64 22.62 17.97
N VAL B 170 4.48 21.72 18.48
CA VAL B 170 5.87 21.62 18.08
C VAL B 170 6.12 20.24 17.53
N GLU B 171 6.58 20.19 16.27
CA GLU B 171 6.93 18.95 15.60
C GLU B 171 8.36 18.58 16.00
N ILE B 172 8.54 17.30 16.33
CA ILE B 172 9.86 16.79 16.69
C ILE B 172 10.35 15.92 15.54
N LEU B 173 11.66 16.04 15.30
CA LEU B 173 12.33 15.51 14.12
C LEU B 173 12.30 13.99 14.21
N GLU B 174 12.71 13.26 13.15
CA GLU B 174 12.48 11.82 13.18
C GLU B 174 13.48 11.16 14.11
N GLY B 175 12.99 10.30 15.01
CA GLY B 175 13.83 9.47 15.86
C GLY B 175 14.19 10.17 17.17
N ARG B 176 13.95 11.48 17.20
CA ARG B 176 14.30 12.31 18.34
C ARG B 176 13.19 12.27 19.36
N THR B 177 13.57 11.86 20.59
CA THR B 177 12.68 11.72 21.73
C THR B 177 12.99 12.81 22.76
N GLU B 178 13.43 13.96 22.24
CA GLU B 178 13.87 15.10 23.03
C GLU B 178 13.27 16.37 22.43
N CYS B 179 12.79 17.25 23.32
CA CYS B 179 12.16 18.51 22.93
C CYS B 179 12.62 19.63 23.86
N VAL B 180 12.96 20.76 23.25
CA VAL B 180 13.33 21.99 23.93
C VAL B 180 12.27 23.03 23.63
N LEU B 181 11.64 23.59 24.67
CA LEU B 181 10.64 24.62 24.50
C LEU B 181 11.17 25.93 25.05
N SER B 182 10.86 27.01 24.33
CA SER B 182 11.13 28.37 24.77
C SER B 182 9.88 29.22 24.59
N ASN B 183 10.09 30.54 24.71
CA ASN B 183 9.10 31.53 24.37
C ASN B 183 7.91 31.41 25.33
N LEU B 184 8.15 30.89 26.54
CA LEU B 184 7.07 30.61 27.49
C LEU B 184 6.95 31.71 28.53
N ARG B 185 5.77 31.82 29.12
N ARG B 185 5.75 31.86 29.09
CA ARG B 185 5.54 32.77 30.18
CA ARG B 185 5.58 32.82 30.18
C ARG B 185 6.08 32.19 31.49
C ARG B 185 6.08 32.21 31.49
N GLY B 186 6.79 33.03 32.26
CA GLY B 186 7.26 32.63 33.58
C GLY B 186 6.12 32.55 34.59
N ARG B 187 6.33 31.77 35.65
CA ARG B 187 5.37 31.62 36.73
C ARG B 187 4.05 31.06 36.21
N THR B 188 4.11 30.12 35.26
CA THR B 188 2.89 29.62 34.63
C THR B 188 2.90 28.09 34.66
N ARG B 189 1.77 27.49 35.06
CA ARG B 189 1.65 26.04 35.01
C ARG B 189 1.19 25.62 33.62
N TYR B 190 2.14 25.02 32.87
CA TYR B 190 1.92 24.51 31.53
C TYR B 190 1.83 22.98 31.60
N THR B 191 1.07 22.39 30.66
CA THR B 191 0.83 20.95 30.58
C THR B 191 1.27 20.43 29.20
N PHE B 192 2.00 19.30 29.22
CA PHE B 192 2.64 18.82 28.01
C PHE B 192 2.14 17.42 27.69
N ALA B 193 1.92 17.21 26.39
CA ALA B 193 1.67 15.89 25.84
C ALA B 193 2.38 15.78 24.49
N VAL B 194 2.61 14.54 24.06
CA VAL B 194 3.26 14.26 22.80
C VAL B 194 2.51 13.10 22.15
N ARG B 195 2.38 13.15 20.83
CA ARG B 195 1.90 12.02 20.05
C ARG B 195 2.96 11.62 19.02
N ALA B 196 2.77 10.47 18.38
CA ALA B 196 3.74 9.90 17.47
C ALA B 196 3.10 9.64 16.11
N ARG B 197 3.94 9.55 15.07
CA ARG B 197 3.52 9.28 13.71
C ARG B 197 4.73 8.79 12.92
N MET B 198 4.46 8.05 11.84
CA MET B 198 5.57 7.58 11.03
C MET B 198 5.92 8.62 9.96
N ALA B 199 7.22 8.92 9.89
CA ALA B 199 7.80 9.90 9.00
C ALA B 199 7.78 9.38 7.57
N GLU B 200 7.74 10.35 6.64
CA GLU B 200 7.69 10.12 5.20
C GLU B 200 9.12 9.99 4.67
N PRO B 201 9.26 9.54 3.40
CA PRO B 201 8.17 9.07 2.56
C PRO B 201 8.01 7.56 2.61
N SER B 202 8.84 6.92 3.47
CA SER B 202 8.93 5.49 3.64
C SER B 202 7.64 4.96 4.24
N PHE B 203 6.98 5.77 5.07
CA PHE B 203 5.78 5.35 5.79
C PHE B 203 4.72 6.45 5.79
N GLY B 204 3.45 6.06 5.90
CA GLY B 204 2.37 7.02 6.07
C GLY B 204 1.47 6.58 7.21
N GLY B 205 0.50 7.43 7.60
CA GLY B 205 -0.49 7.03 8.58
C GLY B 205 -1.06 8.23 9.35
N PHE B 206 -1.64 7.94 10.51
CA PHE B 206 -2.19 8.97 11.39
C PHE B 206 -1.35 9.19 12.63
N TRP B 207 -1.61 10.31 13.31
CA TRP B 207 -1.04 10.60 14.61
C TRP B 207 -1.60 9.59 15.61
N SER B 208 -0.72 9.12 16.52
CA SER B 208 -1.12 8.28 17.65
C SER B 208 -2.04 9.06 18.56
N ALA B 209 -2.69 8.35 19.48
CA ALA B 209 -3.36 9.04 20.57
C ALA B 209 -2.34 9.83 21.39
N TRP B 210 -2.79 10.86 22.11
CA TRP B 210 -1.89 11.72 22.87
C TRP B 210 -1.38 10.99 24.11
N SER B 211 -0.12 11.26 24.49
CA SER B 211 0.51 10.60 25.63
C SER B 211 -0.14 11.00 26.94
N GLU B 212 0.20 10.28 28.02
CA GLU B 212 0.07 10.68 29.42
C GLU B 212 0.62 12.09 29.60
N PRO B 213 -0.11 13.04 30.24
CA PRO B 213 0.42 14.38 30.50
C PRO B 213 1.34 14.45 31.71
N VAL B 214 2.32 15.37 31.65
CA VAL B 214 3.04 15.88 32.81
C VAL B 214 2.97 17.41 32.78
N SER B 215 2.99 18.02 33.96
CA SER B 215 2.92 19.47 34.07
C SER B 215 4.17 20.00 34.75
N LEU B 216 4.44 21.29 34.51
CA LEU B 216 5.51 22.01 35.20
C LEU B 216 5.08 23.45 35.44
N LEU B 217 5.60 24.01 36.54
CA LEU B 217 5.46 25.41 36.88
C LEU B 217 6.78 26.12 36.57
N THR B 218 6.77 26.97 35.53
CA THR B 218 7.94 27.70 35.06
C THR B 218 8.38 28.69 36.14
N PRO B 219 9.69 29.04 36.23
CA PRO B 219 10.17 29.90 37.31
C PRO B 219 9.67 31.33 37.10
N SER B 220 10.20 32.26 37.89
CA SER B 220 9.62 33.58 38.06
C SER B 220 10.28 34.61 37.15
N ASP B 221 9.52 35.03 36.13
CA ASP B 221 9.90 36.08 35.21
C ASP B 221 8.65 36.61 34.52
#